data_3G3D
#
_entry.id   3G3D
#
_cell.length_a   69.682
_cell.length_b   61.850
_cell.length_c   70.320
_cell.angle_alpha   90.00
_cell.angle_beta   112.73
_cell.angle_gamma   90.00
#
_symmetry.space_group_name_H-M   'P 1 21 1'
#
loop_
_entity.id
_entity.type
_entity.pdbx_description
1 polymer "Uridine 5'-monophosphate synthase"
2 non-polymer "5-FLUORO-URIDINE-5'-MONOPHOSPHATE"
3 non-polymer GLYCEROL
4 non-polymer 'SULFATE ION'
5 water water
#
_entity_poly.entity_id   1
_entity_poly.type   'polypeptide(L)'
_entity_poly.pdbx_seq_one_letter_code
;MGSSHHHHHHSSGLVPRGSHMDAETVGRVKRFIQENVFVAANHNGSPLSIKEAPKELSFGARAELPRIHPVASKLLRLMQ
KKETNLCLSADVSLARELLQLADALGPSICMLKTHVDILNDFTLDVMKELITLAKCHEFLIFEDRKFADIGNTVKKQYEG
GIFKIASWADLVNAHVVPGSGVVKGLQEVGLPLHRGCLLIAEMSSTGSLATGDYTRAAVRMAEEHSEFVVGFISGSRVSM
KPEFLHLTPGVQLEAGGDNLGQQYNSPQEVIGKRGSDIIIVGRGIISAADRLEAAEMYRKAAWEAYLSRLGV
;
_entity_poly.pdbx_strand_id   A,B
#
loop_
_chem_comp.id
_chem_comp.type
_chem_comp.name
_chem_comp.formula
5FU RNA linking 5-FLUORO-URIDINE-5'-MONOPHOSPHATE 'C9 H12 F N2 O9 P'
GOL non-polymer GLYCEROL 'C3 H8 O3'
SO4 non-polymer 'SULFATE ION' 'O4 S -2'
#
# COMPACT_ATOMS: atom_id res chain seq x y z
N GLU A 56 -29.02 -5.82 -18.34
CA GLU A 56 -27.60 -6.23 -18.64
C GLU A 56 -27.21 -5.92 -20.08
N LEU A 57 -26.24 -5.03 -20.24
CA LEU A 57 -25.74 -4.60 -21.54
C LEU A 57 -24.45 -5.32 -21.88
N SER A 58 -24.19 -5.52 -23.17
CA SER A 58 -22.91 -6.07 -23.62
C SER A 58 -21.77 -5.10 -23.31
N PHE A 59 -20.54 -5.62 -23.27
CA PHE A 59 -19.36 -4.77 -23.14
C PHE A 59 -19.32 -3.67 -24.21
N GLY A 60 -19.57 -4.05 -25.46
CA GLY A 60 -19.66 -3.07 -26.56
C GLY A 60 -20.63 -1.93 -26.32
N ALA A 61 -21.81 -2.25 -25.79
CA ALA A 61 -22.80 -1.23 -25.50
C ALA A 61 -22.39 -0.37 -24.30
N ARG A 62 -21.85 -1.00 -23.26
CA ARG A 62 -21.37 -0.26 -22.09
C ARG A 62 -20.26 0.70 -22.50
N ALA A 63 -19.51 0.35 -23.54
CA ALA A 63 -18.41 1.22 -23.98
C ALA A 63 -18.95 2.58 -24.42
N GLU A 64 -20.25 2.60 -24.72
CA GLU A 64 -20.90 3.79 -25.28
C GLU A 64 -21.76 4.55 -24.28
N LEU A 65 -21.80 4.11 -23.03
N LEU A 65 -21.77 4.12 -23.03
CA LEU A 65 -22.61 4.77 -22.01
CA LEU A 65 -22.55 4.79 -21.99
C LEU A 65 -22.24 6.24 -21.85
C LEU A 65 -22.23 6.29 -21.92
N PRO A 66 -23.24 7.12 -21.65
CA PRO A 66 -23.00 8.56 -21.53
C PRO A 66 -21.94 8.95 -20.49
N ARG A 67 -21.94 8.27 -19.34
N ARG A 67 -21.95 8.26 -19.34
CA ARG A 67 -21.04 8.62 -18.22
CA ARG A 67 -21.06 8.59 -18.24
C ARG A 67 -19.69 7.92 -18.25
C ARG A 67 -19.87 7.63 -18.12
N ILE A 68 -19.43 7.10 -19.26
CA ILE A 68 -18.27 6.19 -19.30
C ILE A 68 -16.96 6.96 -19.42
N HIS A 69 -15.98 6.54 -18.64
CA HIS A 69 -14.64 7.13 -18.68
C HIS A 69 -13.94 6.62 -19.94
N PRO A 70 -13.16 7.46 -20.64
CA PRO A 70 -12.52 7.02 -21.88
C PRO A 70 -11.59 5.80 -21.78
N VAL A 71 -11.01 5.59 -20.60
N VAL A 71 -11.03 5.57 -20.60
CA VAL A 71 -10.19 4.39 -20.35
CA VAL A 71 -10.18 4.39 -20.40
C VAL A 71 -11.10 3.18 -20.28
C VAL A 71 -11.06 3.14 -20.21
N ALA A 72 -12.19 3.29 -19.53
CA ALA A 72 -13.16 2.21 -19.47
C ALA A 72 -13.69 1.85 -20.85
N SER A 73 -14.01 2.83 -21.69
N SER A 73 -13.97 2.86 -21.66
CA SER A 73 -14.59 2.50 -23.00
CA SER A 73 -14.54 2.65 -22.98
C SER A 73 -13.57 1.90 -23.96
C SER A 73 -13.57 1.90 -23.87
N LYS A 74 -12.30 2.32 -23.83
CA LYS A 74 -11.25 1.68 -24.61
C LYS A 74 -11.12 0.21 -24.21
N LEU A 75 -11.18 -0.06 -22.92
CA LEU A 75 -11.13 -1.43 -22.41
C LEU A 75 -12.33 -2.22 -22.89
N LEU A 76 -13.53 -1.69 -22.63
CA LEU A 76 -14.74 -2.39 -23.02
C LEU A 76 -14.81 -2.72 -24.51
N ARG A 77 -14.32 -1.80 -25.36
CA ARG A 77 -14.27 -2.04 -26.81
C ARG A 77 -13.35 -3.20 -27.19
N LEU A 78 -12.14 -3.21 -26.62
CA LEU A 78 -11.22 -4.30 -26.93
C LEU A 78 -11.67 -5.62 -26.31
N MET A 79 -12.37 -5.59 -25.18
CA MET A 79 -12.93 -6.81 -24.61
C MET A 79 -13.94 -7.43 -25.60
N GLN A 80 -14.86 -6.60 -26.09
CA GLN A 80 -15.84 -7.00 -27.12
C GLN A 80 -15.22 -7.52 -28.41
N LYS A 81 -14.31 -6.74 -28.98
CA LYS A 81 -13.58 -7.12 -30.18
C LYS A 81 -12.82 -8.46 -30.04
N LYS A 82 -12.13 -8.64 -28.93
CA LYS A 82 -11.26 -9.80 -28.75
C LYS A 82 -11.93 -11.00 -28.08
N GLU A 83 -13.14 -10.81 -27.58
CA GLU A 83 -13.83 -11.85 -26.81
C GLU A 83 -12.98 -12.31 -25.63
N THR A 84 -12.48 -11.35 -24.86
CA THR A 84 -11.81 -11.67 -23.63
C THR A 84 -12.18 -10.70 -22.51
N ASN A 85 -12.49 -11.28 -21.35
CA ASN A 85 -12.57 -10.55 -20.10
C ASN A 85 -11.60 -11.14 -19.07
N LEU A 86 -10.43 -11.53 -19.53
CA LEU A 86 -9.42 -12.10 -18.64
C LEU A 86 -8.33 -11.03 -18.44
N CYS A 87 -8.01 -10.74 -17.19
CA CYS A 87 -6.81 -9.94 -16.88
C CYS A 87 -5.70 -10.84 -16.35
N LEU A 88 -4.51 -10.80 -16.95
CA LEU A 88 -3.44 -11.68 -16.54
C LEU A 88 -2.66 -10.96 -15.43
N SER A 89 -2.47 -11.64 -14.30
CA SER A 89 -1.71 -11.09 -13.19
C SER A 89 -0.31 -11.65 -13.38
N ALA A 90 0.52 -10.83 -14.00
CA ALA A 90 1.84 -11.27 -14.43
C ALA A 90 2.83 -11.19 -13.29
N ASP A 91 2.67 -12.08 -12.32
CA ASP A 91 3.40 -12.07 -11.06
C ASP A 91 4.68 -12.86 -11.24
N VAL A 92 5.63 -12.20 -11.89
CA VAL A 92 6.94 -12.80 -12.14
C VAL A 92 7.98 -11.78 -11.72
N SER A 93 9.20 -12.25 -11.48
CA SER A 93 10.25 -11.37 -11.02
C SER A 93 11.27 -10.97 -12.09
N LEU A 94 11.25 -11.60 -13.26
CA LEU A 94 12.19 -11.28 -14.35
C LEU A 94 11.49 -10.54 -15.50
N ALA A 95 12.10 -9.44 -15.97
CA ALA A 95 11.58 -8.64 -17.08
C ALA A 95 11.41 -9.51 -18.33
N ARG A 96 12.38 -10.38 -18.60
CA ARG A 96 12.27 -11.25 -19.78
C ARG A 96 11.03 -12.14 -19.73
N GLU A 97 10.74 -12.71 -18.57
CA GLU A 97 9.54 -13.56 -18.45
C GLU A 97 8.23 -12.75 -18.59
N LEU A 98 8.18 -11.58 -17.96
CA LEU A 98 7.06 -10.66 -18.07
C LEU A 98 6.78 -10.31 -19.54
N LEU A 99 7.83 -9.95 -20.28
CA LEU A 99 7.66 -9.58 -21.67
C LEU A 99 7.26 -10.75 -22.54
N GLN A 100 7.79 -11.94 -22.24
CA GLN A 100 7.47 -13.10 -23.08
C GLN A 100 6.04 -13.51 -22.77
N LEU A 101 5.62 -13.33 -21.52
CA LEU A 101 4.20 -13.60 -21.18
C LEU A 101 3.26 -12.62 -21.89
N ALA A 102 3.57 -11.33 -21.84
CA ALA A 102 2.71 -10.32 -22.44
C ALA A 102 2.57 -10.53 -23.95
N ASP A 103 3.66 -10.92 -24.60
CA ASP A 103 3.63 -11.16 -26.04
C ASP A 103 2.83 -12.40 -26.43
N ALA A 104 3.04 -13.51 -25.72
CA ALA A 104 2.41 -14.78 -26.11
C ALA A 104 0.95 -14.75 -25.68
N LEU A 105 0.69 -14.14 -24.52
CA LEU A 105 -0.67 -14.16 -23.97
C LEU A 105 -1.46 -12.92 -24.39
N GLY A 106 -0.81 -11.95 -24.99
CA GLY A 106 -1.48 -10.67 -25.35
C GLY A 106 -2.81 -10.80 -26.09
N PRO A 107 -2.87 -11.63 -27.13
CA PRO A 107 -4.11 -11.84 -27.88
C PRO A 107 -5.27 -12.39 -27.04
N SER A 108 -4.94 -13.02 -25.91
CA SER A 108 -5.96 -13.71 -25.09
C SER A 108 -6.50 -12.87 -23.92
N ILE A 109 -5.90 -11.70 -23.67
CA ILE A 109 -6.17 -10.92 -22.47
C ILE A 109 -6.68 -9.52 -22.80
N CYS A 110 -7.53 -8.97 -21.94
CA CYS A 110 -7.94 -7.56 -22.10
C CYS A 110 -7.04 -6.61 -21.29
N MET A 111 -6.25 -7.18 -20.37
CA MET A 111 -5.48 -6.38 -19.44
C MET A 111 -4.36 -7.23 -18.88
N LEU A 112 -3.22 -6.58 -18.66
CA LEU A 112 -2.05 -7.19 -18.04
C LEU A 112 -1.77 -6.40 -16.78
N LYS A 113 -1.78 -7.12 -15.67
CA LYS A 113 -1.63 -6.50 -14.37
C LYS A 113 -0.24 -6.83 -13.85
N THR A 114 0.43 -5.79 -13.37
CA THR A 114 1.80 -5.88 -12.93
C THR A 114 1.89 -5.54 -11.44
N HIS A 115 2.92 -6.08 -10.80
CA HIS A 115 3.49 -5.52 -9.58
C HIS A 115 4.95 -5.14 -9.93
N VAL A 116 5.20 -3.93 -10.37
CA VAL A 116 6.58 -3.57 -10.76
C VAL A 116 7.52 -3.60 -9.55
N ASP A 117 6.99 -3.53 -8.34
CA ASP A 117 7.88 -3.51 -7.18
C ASP A 117 8.41 -4.90 -6.80
N ILE A 118 8.15 -5.88 -7.66
CA ILE A 118 8.54 -7.26 -7.49
C ILE A 118 9.53 -7.63 -8.61
N LEU A 119 9.64 -6.75 -9.61
CA LEU A 119 10.51 -6.98 -10.76
C LEU A 119 11.97 -6.70 -10.39
N ASN A 120 12.81 -7.74 -10.36
CA ASN A 120 14.21 -7.56 -9.95
C ASN A 120 15.00 -6.67 -10.88
N ASP A 121 14.58 -6.61 -12.13
CA ASP A 121 15.32 -5.87 -13.15
C ASP A 121 14.44 -4.84 -13.84
N PHE A 122 13.52 -4.26 -13.08
CA PHE A 122 12.77 -3.11 -13.57
C PHE A 122 13.68 -2.04 -14.18
N THR A 123 13.28 -1.55 -15.36
CA THR A 123 13.76 -0.27 -15.86
C THR A 123 12.60 0.33 -16.64
N LEU A 124 12.64 1.63 -16.87
CA LEU A 124 11.60 2.28 -17.68
C LEU A 124 11.58 1.77 -19.12
N ASP A 125 12.75 1.35 -19.61
CA ASP A 125 12.81 0.69 -20.92
C ASP A 125 12.01 -0.62 -20.98
N VAL A 126 12.00 -1.38 -19.88
CA VAL A 126 11.13 -2.57 -19.82
C VAL A 126 9.66 -2.15 -20.02
N MET A 127 9.27 -1.05 -19.39
N MET A 127 9.26 -1.06 -19.37
CA MET A 127 7.88 -0.59 -19.48
CA MET A 127 7.88 -0.57 -19.48
C MET A 127 7.54 -0.03 -20.87
C MET A 127 7.56 -0.11 -20.90
N LYS A 128 8.55 0.49 -21.56
CA LYS A 128 8.42 0.92 -22.96
C LYS A 128 8.12 -0.26 -23.86
N GLU A 129 8.84 -1.37 -23.63
N GLU A 129 8.85 -1.36 -23.68
CA GLU A 129 8.69 -2.63 -24.34
CA GLU A 129 8.58 -2.56 -24.47
C GLU A 129 7.35 -3.33 -24.05
C GLU A 129 7.20 -3.12 -24.11
N LEU A 130 6.84 -3.13 -22.84
CA LEU A 130 5.50 -3.62 -22.44
C LEU A 130 4.39 -2.78 -23.11
N ILE A 131 4.55 -1.46 -23.12
CA ILE A 131 3.64 -0.60 -23.88
C ILE A 131 3.55 -1.00 -25.35
N THR A 132 4.69 -1.17 -26.03
CA THR A 132 4.68 -1.66 -27.39
C THR A 132 3.80 -2.90 -27.59
N LEU A 133 3.95 -3.89 -26.73
CA LEU A 133 3.11 -5.09 -26.77
C LEU A 133 1.63 -4.83 -26.47
N ALA A 134 1.37 -3.98 -25.50
CA ALA A 134 0.01 -3.55 -25.15
C ALA A 134 -0.73 -2.95 -26.36
N LYS A 135 0.00 -2.13 -27.13
CA LYS A 135 -0.54 -1.51 -28.34
C LYS A 135 -0.72 -2.53 -29.46
N CYS A 136 0.29 -3.37 -29.66
N CYS A 136 0.29 -3.38 -29.65
CA CYS A 136 0.23 -4.43 -30.67
CA CYS A 136 0.28 -4.43 -30.68
C CYS A 136 -0.96 -5.35 -30.45
C CYS A 136 -0.85 -5.45 -30.50
N HIS A 137 -0.98 -5.98 -29.29
CA HIS A 137 -1.97 -7.00 -28.97
C HIS A 137 -3.28 -6.44 -28.44
N GLU A 138 -3.29 -5.13 -28.17
CA GLU A 138 -4.47 -4.41 -27.67
C GLU A 138 -4.88 -4.92 -26.28
N PHE A 139 -4.08 -4.56 -25.29
CA PHE A 139 -4.56 -4.72 -23.91
C PHE A 139 -4.13 -3.47 -23.10
N LEU A 140 -4.81 -3.25 -21.97
CA LEU A 140 -4.45 -2.19 -21.03
C LEU A 140 -3.41 -2.70 -20.04
N ILE A 141 -2.58 -1.80 -19.54
CA ILE A 141 -1.64 -2.10 -18.47
C ILE A 141 -2.18 -1.56 -17.15
N PHE A 142 -2.25 -2.43 -16.15
CA PHE A 142 -2.79 -2.12 -14.84
C PHE A 142 -1.70 -2.37 -13.79
N GLU A 143 -1.19 -1.32 -13.16
CA GLU A 143 -0.26 -1.50 -12.02
C GLU A 143 -1.05 -1.69 -10.72
N ASP A 144 -0.84 -2.83 -10.08
CA ASP A 144 -1.67 -3.27 -8.94
C ASP A 144 -1.01 -2.74 -7.65
N ARG A 145 -0.88 -1.43 -7.58
CA ARG A 145 -0.04 -0.79 -6.54
C ARG A 145 -0.79 -0.63 -5.23
N LYS A 146 -2.28 -0.85 -5.18
CA LYS A 146 -3.07 -0.89 -3.96
C LYS A 146 -2.63 0.21 -3.00
N PHE A 147 -2.60 1.62 -3.59
CA PHE A 147 -2.16 2.82 -2.86
C PHE A 147 -3.03 2.86 -1.60
N ALA A 148 -2.43 3.23 -0.46
CA ALA A 148 -3.14 3.24 0.83
C ALA A 148 -2.40 4.17 1.78
N ASP A 149 -2.24 5.41 1.35
CA ASP A 149 -1.62 6.45 2.17
C ASP A 149 -2.44 7.72 1.99
N ILE A 150 -2.07 8.79 2.69
CA ILE A 150 -2.76 10.06 2.53
C ILE A 150 -2.58 10.62 1.11
N GLY A 151 -3.49 11.53 0.73
CA GLY A 151 -3.47 12.08 -0.62
C GLY A 151 -2.14 12.68 -1.01
N ASN A 152 -1.50 13.41 -0.10
CA ASN A 152 -0.24 14.06 -0.46
C ASN A 152 0.90 13.12 -0.84
N THR A 153 0.91 11.95 -0.20
CA THR A 153 1.91 10.93 -0.42
C THR A 153 1.66 10.12 -1.69
N VAL A 154 0.42 9.65 -1.87
CA VAL A 154 0.11 8.81 -3.02
C VAL A 154 0.37 9.54 -4.34
N LYS A 155 0.19 10.87 -4.33
CA LYS A 155 0.45 11.68 -5.49
C LYS A 155 1.87 11.45 -5.96
N LYS A 156 2.82 11.50 -5.02
CA LYS A 156 4.23 11.32 -5.38
C LYS A 156 4.56 9.86 -5.67
N GLN A 157 3.93 8.93 -4.95
CA GLN A 157 4.16 7.52 -5.22
C GLN A 157 3.67 7.13 -6.62
N TYR A 158 2.63 7.82 -7.09
CA TYR A 158 2.03 7.55 -8.40
C TYR A 158 2.80 8.20 -9.52
N GLU A 159 3.21 9.44 -9.32
CA GLU A 159 3.92 10.14 -10.39
C GLU A 159 5.41 9.89 -10.44
N GLY A 160 6.02 9.77 -9.26
CA GLY A 160 7.47 9.91 -9.16
C GLY A 160 8.28 8.70 -8.77
N GLY A 161 9.42 8.95 -8.13
CA GLY A 161 10.30 7.87 -7.70
C GLY A 161 10.90 7.21 -8.91
N ILE A 162 11.44 6.01 -8.71
CA ILE A 162 12.03 5.22 -9.78
C ILE A 162 11.01 4.71 -10.80
N PHE A 163 9.81 4.33 -10.32
CA PHE A 163 8.87 3.63 -11.19
C PHE A 163 8.05 4.51 -12.12
N LYS A 164 7.77 5.75 -11.74
CA LYS A 164 6.99 6.68 -12.57
C LYS A 164 5.73 5.98 -13.07
N ILE A 165 5.02 5.37 -12.14
CA ILE A 165 3.88 4.53 -12.51
C ILE A 165 2.94 5.22 -13.49
N ALA A 166 2.63 6.50 -13.24
CA ALA A 166 1.63 7.21 -14.06
C ALA A 166 2.02 7.32 -15.53
N SER A 167 3.33 7.32 -15.81
CA SER A 167 3.76 7.45 -17.19
C SER A 167 3.46 6.24 -18.10
N TRP A 168 3.25 5.05 -17.52
CA TRP A 168 3.03 3.82 -18.29
C TRP A 168 1.75 3.01 -17.91
N ALA A 169 1.16 3.30 -16.76
CA ALA A 169 -0.03 2.53 -16.33
C ALA A 169 -1.33 3.20 -16.76
N ASP A 170 -2.14 2.50 -17.55
CA ASP A 170 -3.50 2.97 -17.91
C ASP A 170 -4.35 3.03 -16.66
N LEU A 171 -4.16 2.05 -15.78
CA LEU A 171 -4.98 1.91 -14.58
C LEU A 171 -4.10 1.63 -13.37
N VAL A 172 -4.57 2.12 -12.22
CA VAL A 172 -4.03 1.74 -10.91
C VAL A 172 -5.20 1.47 -9.99
N ASN A 173 -4.92 0.92 -8.83
CA ASN A 173 -5.97 0.78 -7.81
C ASN A 173 -5.59 1.37 -6.47
N ALA A 174 -6.58 1.56 -5.60
CA ALA A 174 -6.30 2.21 -4.32
C ALA A 174 -7.30 1.67 -3.33
N HIS A 175 -6.83 1.53 -2.09
CA HIS A 175 -7.67 1.18 -0.94
C HIS A 175 -8.39 2.43 -0.50
N VAL A 176 -9.58 2.23 0.08
CA VAL A 176 -10.40 3.37 0.49
C VAL A 176 -10.23 3.71 1.98
N VAL A 177 -9.53 2.84 2.72
CA VAL A 177 -9.22 3.08 4.12
C VAL A 177 -8.79 4.50 4.53
N PRO A 178 -7.93 5.19 3.73
CA PRO A 178 -7.52 6.52 4.16
C PRO A 178 -8.58 7.60 4.00
N GLY A 179 -9.74 7.25 3.46
CA GLY A 179 -10.71 8.28 3.08
C GLY A 179 -10.44 8.85 1.71
N SER A 180 -11.34 9.71 1.23
CA SER A 180 -11.30 10.16 -0.17
C SER A 180 -10.09 10.98 -0.62
N GLY A 181 -9.30 11.49 0.33
CA GLY A 181 -8.04 12.16 -0.03
C GLY A 181 -7.11 11.27 -0.85
N VAL A 182 -7.16 9.95 -0.65
CA VAL A 182 -6.32 9.04 -1.46
C VAL A 182 -6.73 9.15 -2.93
N VAL A 183 -8.03 9.20 -3.22
CA VAL A 183 -8.51 9.42 -4.60
C VAL A 183 -8.15 10.82 -5.11
N LYS A 184 -8.41 11.81 -4.27
CA LYS A 184 -8.08 13.20 -4.57
C LYS A 184 -6.60 13.35 -4.95
N GLY A 185 -5.69 12.73 -4.20
CA GLY A 185 -4.26 12.88 -4.52
C GLY A 185 -3.89 12.16 -5.80
N LEU A 186 -4.44 10.97 -5.99
CA LEU A 186 -4.15 10.21 -7.20
C LEU A 186 -4.70 10.95 -8.42
N GLN A 187 -5.91 11.47 -8.32
N GLN A 187 -5.91 11.47 -8.27
CA GLN A 187 -6.53 12.12 -9.48
CA GLN A 187 -6.63 12.21 -9.31
C GLN A 187 -5.82 13.42 -9.90
C GLN A 187 -5.78 13.35 -9.89
N GLU A 188 -5.06 14.03 -9.00
CA GLU A 188 -4.29 15.22 -9.35
C GLU A 188 -3.23 14.90 -10.37
N VAL A 189 -2.75 13.66 -10.35
CA VAL A 189 -1.74 13.20 -11.32
C VAL A 189 -2.43 12.49 -12.49
N GLY A 190 -3.44 11.68 -12.18
CA GLY A 190 -4.05 10.81 -13.17
C GLY A 190 -4.96 11.50 -14.18
N LEU A 191 -5.76 12.44 -13.70
CA LEU A 191 -6.66 13.18 -14.62
C LEU A 191 -5.91 13.82 -15.79
N PRO A 192 -4.88 14.64 -15.51
CA PRO A 192 -4.08 15.23 -16.58
C PRO A 192 -3.51 14.19 -17.55
N LEU A 193 -3.15 13.02 -17.04
CA LEU A 193 -2.57 11.96 -17.88
C LEU A 193 -3.63 11.01 -18.46
N HIS A 194 -4.90 11.33 -18.25
CA HIS A 194 -6.01 10.57 -18.81
C HIS A 194 -6.02 9.10 -18.35
N ARG A 195 -5.64 8.88 -17.10
CA ARG A 195 -5.60 7.55 -16.49
C ARG A 195 -6.92 7.28 -15.77
N GLY A 196 -7.13 6.03 -15.36
CA GLY A 196 -8.27 5.67 -14.49
C GLY A 196 -7.78 4.94 -13.26
N CYS A 197 -8.68 4.79 -12.29
CA CYS A 197 -8.38 4.19 -11.01
C CYS A 197 -9.52 3.23 -10.65
N LEU A 198 -9.15 2.12 -10.02
CA LEU A 198 -10.13 1.18 -9.44
C LEU A 198 -10.09 1.29 -7.92
N LEU A 199 -11.23 1.25 -7.26
CA LEU A 199 -11.21 1.25 -5.80
C LEU A 199 -11.43 -0.15 -5.25
N ILE A 200 -10.71 -0.49 -4.19
CA ILE A 200 -10.74 -1.85 -3.66
C ILE A 200 -11.89 -1.94 -2.67
N ALA A 201 -13.01 -2.46 -3.15
CA ALA A 201 -14.25 -2.54 -2.32
C ALA A 201 -14.36 -3.81 -1.48
N GLU A 202 -13.73 -4.89 -1.95
CA GLU A 202 -13.66 -6.19 -1.30
C GLU A 202 -12.29 -6.77 -1.62
N MET A 203 -11.76 -7.59 -0.72
CA MET A 203 -10.58 -8.39 -1.04
C MET A 203 -10.93 -9.88 -0.99
N SER A 204 -10.12 -10.68 -1.67
CA SER A 204 -10.30 -12.12 -1.78
C SER A 204 -9.74 -12.92 -0.58
N SER A 205 -9.01 -12.25 0.31
CA SER A 205 -8.21 -12.98 1.30
C SER A 205 -9.00 -13.28 2.57
N THR A 206 -8.57 -14.32 3.27
CA THR A 206 -9.20 -14.72 4.53
C THR A 206 -9.01 -13.64 5.60
N GLY A 207 -10.11 -13.26 6.25
CA GLY A 207 -10.10 -12.26 7.31
C GLY A 207 -10.26 -10.83 6.80
N SER A 208 -10.39 -10.67 5.48
CA SER A 208 -10.59 -9.34 4.88
C SER A 208 -11.60 -8.48 5.65
N LEU A 209 -11.21 -7.24 5.94
CA LEU A 209 -12.10 -6.28 6.61
C LEU A 209 -12.85 -5.39 5.62
N ALA A 210 -12.78 -5.72 4.33
CA ALA A 210 -13.40 -4.88 3.31
C ALA A 210 -14.79 -5.41 3.06
N THR A 211 -15.64 -5.24 4.08
CA THR A 211 -16.99 -5.81 4.08
C THR A 211 -18.00 -4.76 4.55
N GLY A 212 -19.29 -5.09 4.40
CA GLY A 212 -20.36 -4.26 4.93
C GLY A 212 -20.24 -2.78 4.63
N ASP A 213 -20.22 -1.97 5.68
CA ASP A 213 -20.10 -0.51 5.59
C ASP A 213 -18.83 -0.05 4.86
N TYR A 214 -17.76 -0.84 4.95
CA TYR A 214 -16.49 -0.52 4.25
C TYR A 214 -16.69 -0.57 2.74
N THR A 215 -17.25 -1.68 2.26
CA THR A 215 -17.59 -1.82 0.84
C THR A 215 -18.54 -0.68 0.40
N ARG A 216 -19.57 -0.38 1.19
CA ARG A 216 -20.50 0.71 0.83
C ARG A 216 -19.77 2.06 0.71
N ALA A 217 -18.80 2.29 1.59
CA ALA A 217 -17.98 3.50 1.52
C ALA A 217 -17.18 3.57 0.22
N ALA A 218 -16.65 2.43 -0.22
CA ALA A 218 -15.88 2.37 -1.48
C ALA A 218 -16.77 2.75 -2.66
N VAL A 219 -18.00 2.26 -2.64
CA VAL A 219 -18.95 2.54 -3.74
C VAL A 219 -19.31 4.01 -3.79
N ARG A 220 -19.61 4.61 -2.64
N ARG A 220 -19.57 4.59 -2.63
CA ARG A 220 -19.90 6.05 -2.59
CA ARG A 220 -19.87 6.01 -2.45
C ARG A 220 -18.68 6.84 -3.09
C ARG A 220 -18.70 6.88 -2.96
N MET A 221 -17.49 6.49 -2.63
CA MET A 221 -16.29 7.20 -3.04
C MET A 221 -16.09 7.17 -4.57
N ALA A 222 -16.32 6.01 -5.18
CA ALA A 222 -16.23 5.86 -6.63
C ALA A 222 -17.20 6.77 -7.36
N GLU A 223 -18.47 6.74 -6.94
CA GLU A 223 -19.51 7.52 -7.60
C GLU A 223 -19.25 9.03 -7.50
N GLU A 224 -18.58 9.45 -6.45
CA GLU A 224 -18.29 10.85 -6.21
C GLU A 224 -17.00 11.30 -6.85
N HIS A 225 -16.27 10.34 -7.42
CA HIS A 225 -15.05 10.63 -8.17
C HIS A 225 -15.06 9.96 -9.53
N SER A 226 -16.24 9.91 -10.15
CA SER A 226 -16.47 9.24 -11.43
C SER A 226 -15.65 9.77 -12.62
N GLU A 227 -15.03 10.93 -12.47
N GLU A 227 -15.03 10.91 -12.43
CA GLU A 227 -14.14 11.45 -13.50
CA GLU A 227 -14.15 11.52 -13.43
C GLU A 227 -12.83 10.67 -13.57
C GLU A 227 -12.80 10.79 -13.51
N PHE A 228 -12.48 10.01 -12.48
CA PHE A 228 -11.18 9.30 -12.37
C PHE A 228 -11.36 7.83 -12.08
N VAL A 229 -12.32 7.52 -11.20
CA VAL A 229 -12.60 6.14 -10.79
C VAL A 229 -13.51 5.44 -11.80
N VAL A 230 -13.03 4.32 -12.33
CA VAL A 230 -13.69 3.60 -13.42
C VAL A 230 -14.33 2.29 -12.98
N GLY A 231 -14.11 1.91 -11.73
CA GLY A 231 -14.61 0.64 -11.26
C GLY A 231 -13.98 0.19 -9.96
N PHE A 232 -14.14 -1.11 -9.71
CA PHE A 232 -13.73 -1.73 -8.47
C PHE A 232 -12.88 -2.96 -8.62
N ILE A 233 -12.05 -3.19 -7.61
CA ILE A 233 -11.55 -4.52 -7.32
C ILE A 233 -12.56 -5.04 -6.30
N SER A 234 -13.24 -6.14 -6.63
CA SER A 234 -14.27 -6.69 -5.74
C SER A 234 -14.46 -8.17 -6.04
N GLY A 235 -15.19 -8.87 -5.17
CA GLY A 235 -15.47 -10.29 -5.40
C GLY A 235 -16.81 -10.51 -6.10
N SER A 236 -17.62 -9.46 -6.16
CA SER A 236 -18.96 -9.51 -6.76
C SER A 236 -19.28 -8.12 -7.29
N ARG A 237 -20.40 -8.03 -8.00
CA ARG A 237 -20.95 -6.74 -8.37
C ARG A 237 -21.28 -6.02 -7.05
N VAL A 238 -20.73 -4.82 -6.85
CA VAL A 238 -21.02 -4.00 -5.67
C VAL A 238 -21.82 -2.76 -6.06
N SER A 239 -21.80 -2.40 -7.34
CA SER A 239 -22.53 -1.25 -7.84
C SER A 239 -23.48 -1.64 -8.95
N MET A 240 -24.63 -0.97 -8.99
CA MET A 240 -25.64 -1.20 -10.03
C MET A 240 -25.43 -0.34 -11.27
N LYS A 241 -24.48 0.60 -11.22
CA LYS A 241 -24.24 1.48 -12.35
C LYS A 241 -23.38 0.76 -13.39
N PRO A 242 -23.91 0.56 -14.61
CA PRO A 242 -23.14 -0.16 -15.62
C PRO A 242 -21.91 0.58 -16.17
N GLU A 243 -21.74 1.86 -15.86
CA GLU A 243 -20.51 2.58 -16.21
C GLU A 243 -19.27 2.06 -15.44
N PHE A 244 -19.50 1.46 -14.28
CA PHE A 244 -18.41 0.95 -13.43
C PHE A 244 -17.99 -0.48 -13.78
N LEU A 245 -16.69 -0.69 -13.93
CA LEU A 245 -16.14 -2.04 -14.13
C LEU A 245 -16.00 -2.79 -12.81
N HIS A 246 -16.28 -4.10 -12.81
CA HIS A 246 -15.88 -4.96 -11.69
C HIS A 246 -14.80 -5.95 -12.10
N LEU A 247 -13.64 -5.86 -11.44
CA LEU A 247 -12.53 -6.78 -11.65
C LEU A 247 -12.33 -7.66 -10.40
N THR A 248 -12.21 -8.96 -10.59
CA THR A 248 -12.13 -9.91 -9.48
C THR A 248 -10.91 -10.81 -9.46
N PRO A 249 -9.99 -10.56 -8.50
CA PRO A 249 -8.89 -11.44 -8.18
C PRO A 249 -9.37 -12.57 -7.28
N GLY A 250 -8.48 -13.51 -6.98
CA GLY A 250 -8.82 -14.73 -6.24
C GLY A 250 -9.65 -15.66 -7.13
N VAL A 251 -9.11 -15.97 -8.29
CA VAL A 251 -9.82 -16.80 -9.28
C VAL A 251 -8.94 -17.94 -9.76
N GLN A 252 -9.47 -19.16 -9.67
N GLN A 252 -9.44 -19.16 -9.65
CA GLN A 252 -8.84 -20.36 -10.23
CA GLN A 252 -8.83 -20.31 -10.33
C GLN A 252 -9.93 -21.32 -10.68
C GLN A 252 -9.91 -21.32 -10.68
N LEU A 253 -9.60 -22.23 -11.60
CA LEU A 253 -10.61 -23.17 -12.09
C LEU A 253 -11.02 -24.19 -11.02
N GLU A 254 -10.03 -24.64 -10.25
CA GLU A 254 -10.22 -25.59 -9.14
C GLU A 254 -10.49 -24.90 -7.80
N ALA A 255 -11.24 -25.55 -6.92
CA ALA A 255 -11.36 -25.10 -5.52
C ALA A 255 -9.98 -25.03 -4.81
N GLY A 256 -9.84 -24.10 -3.87
CA GLY A 256 -8.62 -24.01 -3.06
C GLY A 256 -8.28 -22.62 -2.56
N GLY A 257 -7.06 -22.48 -2.07
CA GLY A 257 -6.48 -21.20 -1.68
C GLY A 257 -4.98 -21.37 -1.68
N ASP A 258 -4.25 -20.50 -0.98
CA ASP A 258 -2.83 -20.74 -0.80
C ASP A 258 -2.49 -20.84 0.68
N ASN A 259 -1.21 -20.90 1.03
CA ASN A 259 -0.76 -21.03 2.41
C ASN A 259 -0.81 -19.71 3.18
N LEU A 260 -1.11 -18.60 2.49
CA LEU A 260 -1.05 -17.28 3.11
C LEU A 260 -2.35 -16.49 2.96
N GLY A 261 -3.48 -17.20 3.03
CA GLY A 261 -4.80 -16.57 3.17
C GLY A 261 -5.55 -16.24 1.89
N GLN A 262 -4.95 -16.53 0.73
CA GLN A 262 -5.71 -16.37 -0.54
C GLN A 262 -6.86 -17.40 -0.65
N GLN A 263 -8.00 -16.97 -1.19
CA GLN A 263 -9.12 -17.86 -1.43
C GLN A 263 -9.52 -17.78 -2.90
N TYR A 264 -9.79 -18.93 -3.51
CA TYR A 264 -10.19 -18.97 -4.92
C TYR A 264 -11.64 -19.32 -5.17
N ASN A 265 -12.24 -18.63 -6.14
CA ASN A 265 -13.52 -19.03 -6.72
C ASN A 265 -13.36 -19.17 -8.23
N SER A 266 -14.29 -19.88 -8.85
CA SER A 266 -14.17 -20.16 -10.29
C SER A 266 -14.65 -18.98 -11.12
N PRO A 267 -14.22 -18.89 -12.39
CA PRO A 267 -14.75 -17.87 -13.30
C PRO A 267 -16.26 -17.93 -13.42
N GLN A 268 -16.82 -19.13 -13.44
CA GLN A 268 -18.26 -19.25 -13.59
C GLN A 268 -18.98 -18.68 -12.37
N GLU A 269 -18.44 -18.95 -11.18
CA GLU A 269 -18.99 -18.39 -9.93
C GLU A 269 -18.91 -16.86 -9.91
N VAL A 270 -17.74 -16.35 -10.25
N VAL A 270 -17.76 -16.29 -10.21
CA VAL A 270 -17.40 -14.93 -10.14
CA VAL A 270 -17.59 -14.84 -10.05
C VAL A 270 -18.11 -14.04 -11.17
C VAL A 270 -18.14 -13.99 -11.19
N ILE A 271 -18.09 -14.46 -12.43
CA ILE A 271 -18.67 -13.70 -13.53
C ILE A 271 -20.14 -14.06 -13.63
N GLY A 272 -20.42 -15.36 -13.68
CA GLY A 272 -21.79 -15.86 -13.85
C GLY A 272 -22.73 -15.60 -12.68
N LYS A 273 -22.36 -16.05 -11.48
CA LYS A 273 -23.23 -15.94 -10.31
C LYS A 273 -23.11 -14.61 -9.57
N ARG A 274 -21.89 -14.07 -9.47
CA ARG A 274 -21.63 -12.87 -8.65
C ARG A 274 -21.64 -11.55 -9.42
N GLY A 275 -21.71 -11.61 -10.75
CA GLY A 275 -22.00 -10.43 -11.56
C GLY A 275 -20.82 -9.52 -11.87
N SER A 276 -19.60 -10.01 -11.63
CA SER A 276 -18.38 -9.28 -11.98
C SER A 276 -18.09 -9.31 -13.51
N ASP A 277 -17.16 -8.46 -13.96
CA ASP A 277 -16.89 -8.28 -15.38
C ASP A 277 -15.63 -8.98 -15.86
N ILE A 278 -14.59 -8.97 -15.05
CA ILE A 278 -13.25 -9.38 -15.52
C ILE A 278 -12.59 -10.19 -14.43
N ILE A 279 -12.04 -11.35 -14.78
CA ILE A 279 -11.26 -12.12 -13.82
C ILE A 279 -9.80 -11.74 -13.91
N ILE A 280 -9.19 -11.64 -12.74
CA ILE A 280 -7.76 -11.43 -12.60
C ILE A 280 -7.17 -12.78 -12.15
N VAL A 281 -6.21 -13.29 -12.90
CA VAL A 281 -5.73 -14.64 -12.63
C VAL A 281 -4.23 -14.60 -12.68
N GLY A 282 -3.59 -15.04 -11.60
CA GLY A 282 -2.13 -15.07 -11.49
C GLY A 282 -1.63 -16.49 -11.60
N ARG A 283 -1.43 -17.12 -10.45
CA ARG A 283 -0.86 -18.46 -10.35
C ARG A 283 -1.56 -19.55 -11.18
N GLY A 284 -2.90 -19.50 -11.27
CA GLY A 284 -3.66 -20.41 -12.14
C GLY A 284 -3.15 -20.51 -13.57
N ILE A 285 -2.53 -19.43 -14.05
CA ILE A 285 -1.89 -19.38 -15.34
C ILE A 285 -0.37 -19.46 -15.23
N ILE A 286 0.24 -18.56 -14.47
CA ILE A 286 1.70 -18.47 -14.38
C ILE A 286 2.40 -19.77 -13.97
N SER A 287 1.76 -20.55 -13.10
CA SER A 287 2.42 -21.77 -12.61
C SER A 287 2.25 -22.99 -13.53
N ALA A 288 1.31 -22.92 -14.48
CA ALA A 288 1.08 -23.96 -15.48
C ALA A 288 2.30 -24.11 -16.40
N ALA A 289 2.49 -25.30 -16.98
CA ALA A 289 3.59 -25.47 -17.94
C ALA A 289 3.38 -24.63 -19.19
N ASP A 290 2.21 -24.79 -19.80
CA ASP A 290 1.83 -24.06 -21.01
C ASP A 290 0.88 -22.92 -20.63
N ARG A 291 1.46 -21.75 -20.49
CA ARG A 291 0.74 -20.58 -19.98
C ARG A 291 -0.30 -20.08 -20.98
N LEU A 292 0.00 -20.26 -22.26
CA LEU A 292 -0.94 -19.87 -23.31
C LEU A 292 -2.22 -20.70 -23.26
N GLU A 293 -2.10 -22.03 -23.15
N GLU A 293 -2.06 -22.02 -23.16
CA GLU A 293 -3.32 -22.84 -23.05
CA GLU A 293 -3.19 -22.94 -22.99
C GLU A 293 -4.08 -22.58 -21.76
C GLU A 293 -4.04 -22.58 -21.78
N ALA A 294 -3.37 -22.29 -20.68
CA ALA A 294 -4.02 -21.97 -19.40
C ALA A 294 -4.85 -20.70 -19.57
N ALA A 295 -4.23 -19.67 -20.18
CA ALA A 295 -4.88 -18.38 -20.45
C ALA A 295 -6.14 -18.57 -21.30
N GLU A 296 -6.03 -19.39 -22.34
CA GLU A 296 -7.18 -19.69 -23.19
C GLU A 296 -8.32 -20.38 -22.42
N MET A 297 -7.96 -21.26 -21.49
N MET A 297 -7.97 -21.27 -21.49
CA MET A 297 -8.96 -21.91 -20.64
CA MET A 297 -8.97 -21.92 -20.64
C MET A 297 -9.70 -20.89 -19.78
C MET A 297 -9.70 -20.87 -19.81
N TYR A 298 -8.95 -19.96 -19.19
CA TYR A 298 -9.52 -18.91 -18.35
C TYR A 298 -10.37 -17.94 -19.17
N ARG A 299 -9.88 -17.61 -20.36
CA ARG A 299 -10.60 -16.71 -21.26
C ARG A 299 -11.95 -17.27 -21.67
N LYS A 300 -11.96 -18.54 -22.07
CA LYS A 300 -13.18 -19.17 -22.55
C LYS A 300 -14.17 -19.33 -21.41
N ALA A 301 -13.69 -19.68 -20.22
CA ALA A 301 -14.53 -19.75 -19.02
C ALA A 301 -15.18 -18.41 -18.71
N ALA A 302 -14.34 -17.37 -18.60
CA ALA A 302 -14.84 -16.03 -18.22
C ALA A 302 -15.77 -15.47 -19.32
N TRP A 303 -15.42 -15.71 -20.58
CA TRP A 303 -16.18 -15.19 -21.70
C TRP A 303 -17.56 -15.83 -21.78
N GLU A 304 -17.59 -17.16 -21.73
N GLU A 304 -17.62 -17.16 -21.69
CA GLU A 304 -18.84 -17.91 -21.73
CA GLU A 304 -18.89 -17.87 -21.75
C GLU A 304 -19.75 -17.47 -20.59
C GLU A 304 -19.80 -17.61 -20.55
N ALA A 305 -19.21 -17.42 -19.37
CA ALA A 305 -19.96 -17.00 -18.18
C ALA A 305 -20.63 -15.64 -18.39
N TYR A 306 -19.90 -14.72 -19.02
CA TYR A 306 -20.43 -13.41 -19.35
C TYR A 306 -21.60 -13.50 -20.34
N LEU A 307 -21.38 -14.18 -21.46
CA LEU A 307 -22.43 -14.46 -22.46
C LEU A 307 -23.70 -15.09 -21.86
N SER A 308 -23.53 -16.04 -20.94
CA SER A 308 -24.65 -16.74 -20.29
C SER A 308 -25.45 -15.84 -19.37
N ARG A 309 -24.78 -14.87 -18.75
CA ARG A 309 -25.41 -13.88 -17.88
C ARG A 309 -26.10 -12.84 -18.75
N LEU A 310 -25.55 -12.61 -19.93
CA LEU A 310 -26.07 -11.65 -20.88
C LEU A 310 -27.35 -12.16 -21.54
N GLY A 311 -27.38 -13.47 -21.81
CA GLY A 311 -28.40 -14.14 -22.61
C GLY A 311 -29.83 -13.72 -22.36
N ALA B 53 -6.34 1.73 32.96
CA ALA B 53 -4.87 1.85 32.71
C ALA B 53 -4.04 1.34 33.89
N PRO B 54 -3.01 0.52 33.62
CA PRO B 54 -2.06 0.20 34.70
C PRO B 54 -1.00 1.28 34.82
N LYS B 55 -0.19 1.24 35.88
CA LYS B 55 0.89 2.23 36.05
C LYS B 55 1.82 2.30 34.84
N GLU B 56 2.08 3.53 34.40
CA GLU B 56 2.93 3.79 33.24
C GLU B 56 4.43 3.62 33.49
N LEU B 57 5.09 2.86 32.63
CA LEU B 57 6.51 2.56 32.77
C LEU B 57 7.31 3.46 31.83
N SER B 58 8.52 3.81 32.22
CA SER B 58 9.41 4.59 31.35
C SER B 58 9.76 3.79 30.11
N PHE B 59 10.22 4.48 29.06
CA PHE B 59 10.77 3.78 27.90
C PHE B 59 11.87 2.78 28.27
N GLY B 60 12.81 3.17 29.15
CA GLY B 60 13.89 2.26 29.55
C GLY B 60 13.41 0.97 30.18
N ALA B 61 12.36 1.06 31.00
CA ALA B 61 11.77 -0.09 31.67
C ALA B 61 10.96 -0.96 30.71
N ARG B 62 10.17 -0.32 29.85
CA ARG B 62 9.49 -1.04 28.77
C ARG B 62 10.47 -1.84 27.90
N ALA B 63 11.67 -1.31 27.70
CA ALA B 63 12.66 -1.99 26.90
C ALA B 63 13.09 -3.33 27.50
N GLU B 64 12.78 -3.54 28.78
CA GLU B 64 13.14 -4.75 29.49
C GLU B 64 11.98 -5.73 29.74
N LEU B 65 10.77 -5.39 29.28
N LEU B 65 10.77 -5.40 29.25
CA LEU B 65 9.58 -6.23 29.54
CA LEU B 65 9.59 -6.24 29.50
C LEU B 65 9.83 -7.66 29.02
C LEU B 65 9.83 -7.66 29.00
N PRO B 66 9.30 -8.68 29.71
CA PRO B 66 9.49 -10.09 29.29
C PRO B 66 9.14 -10.36 27.82
N ARG B 67 8.05 -9.77 27.36
CA ARG B 67 7.55 -10.05 26.01
C ARG B 67 7.97 -9.03 24.94
N ILE B 68 8.89 -8.15 25.28
CA ILE B 68 9.31 -7.09 24.37
C ILE B 68 9.98 -7.73 23.14
N HIS B 69 9.78 -7.12 21.98
CA HIS B 69 10.45 -7.59 20.77
C HIS B 69 11.83 -6.95 20.77
N PRO B 70 12.84 -7.69 20.30
CA PRO B 70 14.20 -7.13 20.25
C PRO B 70 14.29 -5.76 19.57
N VAL B 71 13.60 -5.58 18.44
CA VAL B 71 13.66 -4.31 17.72
C VAL B 71 13.05 -3.19 18.56
N ALA B 72 11.89 -3.46 19.16
CA ALA B 72 11.25 -2.55 20.11
C ALA B 72 12.15 -2.17 21.30
N SER B 73 12.83 -3.15 21.91
N SER B 73 12.80 -3.17 21.91
CA SER B 73 13.74 -2.83 22.99
CA SER B 73 13.76 -2.89 22.97
C SER B 73 14.94 -1.97 22.55
C SER B 73 14.88 -1.94 22.52
N LYS B 74 15.47 -2.22 21.36
CA LYS B 74 16.55 -1.40 20.84
C LYS B 74 16.11 0.06 20.73
N LEU B 75 14.93 0.25 20.15
CA LEU B 75 14.31 1.54 19.98
C LEU B 75 14.06 2.23 21.33
N LEU B 76 13.37 1.52 22.22
CA LEU B 76 13.06 2.08 23.54
C LEU B 76 14.32 2.52 24.30
N ARG B 77 15.38 1.73 24.23
N ARG B 77 15.36 1.68 24.24
CA ARG B 77 16.64 2.07 24.90
CA ARG B 77 16.65 2.01 24.83
C ARG B 77 17.34 3.30 24.32
C ARG B 77 17.17 3.35 24.32
N LEU B 78 17.29 3.49 23.00
CA LEU B 78 17.88 4.70 22.39
C LEU B 78 17.00 5.94 22.58
N MET B 79 15.69 5.76 22.71
CA MET B 79 14.81 6.86 23.06
C MET B 79 15.14 7.40 24.45
N GLN B 80 15.34 6.50 25.41
CA GLN B 80 15.68 6.87 26.79
C GLN B 80 17.05 7.54 26.82
N LYS B 81 18.01 6.91 26.16
CA LYS B 81 19.38 7.43 26.15
C LYS B 81 19.46 8.82 25.55
N LYS B 82 18.77 9.02 24.43
CA LYS B 82 18.79 10.26 23.66
C LYS B 82 17.73 11.29 24.03
N GLU B 83 16.76 10.89 24.85
CA GLU B 83 15.68 11.80 25.22
C GLU B 83 14.98 12.27 23.95
N THR B 84 14.64 11.32 23.09
CA THR B 84 13.83 11.64 21.93
C THR B 84 12.78 10.58 21.69
N ASN B 85 11.54 11.03 21.49
CA ASN B 85 10.50 10.18 20.93
C ASN B 85 9.97 10.79 19.64
N LEU B 86 10.89 11.31 18.83
CA LEU B 86 10.55 11.95 17.56
C LEU B 86 11.03 11.06 16.43
N CYS B 87 10.09 10.77 15.52
CA CYS B 87 10.41 10.06 14.29
C CYS B 87 10.29 11.06 13.14
N LEU B 88 11.37 11.25 12.41
CA LEU B 88 11.35 12.16 11.27
C LEU B 88 10.79 11.45 10.03
N SER B 89 9.77 12.03 9.41
CA SER B 89 9.21 11.58 8.15
C SER B 89 9.99 12.31 7.05
N ALA B 90 11.01 11.63 6.53
CA ALA B 90 11.95 12.26 5.62
C ALA B 90 11.41 12.29 4.20
N ASP B 91 10.37 13.08 3.97
CA ASP B 91 9.62 13.02 2.74
C ASP B 91 10.28 13.97 1.73
N VAL B 92 11.34 13.46 1.11
CA VAL B 92 12.11 14.21 0.12
C VAL B 92 12.25 13.34 -1.12
N SER B 93 12.56 13.95 -2.26
CA SER B 93 12.71 13.16 -3.47
C SER B 93 14.17 12.96 -3.88
N LEU B 94 15.10 13.66 -3.24
CA LEU B 94 16.52 13.43 -3.57
C LEU B 94 17.34 12.75 -2.47
N ALA B 95 18.09 11.72 -2.84
CA ALA B 95 18.98 10.99 -1.94
C ALA B 95 19.89 11.92 -1.13
N ARG B 96 20.43 12.95 -1.77
N ARG B 96 20.45 12.92 -1.79
CA ARG B 96 21.24 13.95 -1.07
CA ARG B 96 21.37 13.86 -1.15
C ARG B 96 20.51 14.62 0.09
C ARG B 96 20.72 14.75 -0.09
N GLU B 97 19.34 15.20 -0.18
N GLU B 97 19.43 15.00 -0.19
CA GLU B 97 18.59 15.86 0.88
CA GLU B 97 18.78 15.76 0.86
C GLU B 97 18.25 14.88 2.02
C GLU B 97 18.32 14.86 2.01
N LEU B 98 17.92 13.63 1.68
CA LEU B 98 17.61 12.61 2.67
C LEU B 98 18.80 12.35 3.60
N LEU B 99 19.98 12.15 2.99
CA LEU B 99 21.20 11.91 3.77
C LEU B 99 21.66 13.16 4.55
N GLN B 100 21.52 14.34 3.97
CA GLN B 100 21.76 15.59 4.70
C GLN B 100 20.89 15.75 5.95
N LEU B 101 19.60 15.41 5.82
CA LEU B 101 18.67 15.49 6.96
C LEU B 101 18.96 14.42 8.02
N ALA B 102 19.13 13.19 7.57
CA ALA B 102 19.46 12.08 8.47
C ALA B 102 20.71 12.40 9.28
N ASP B 103 21.73 12.99 8.65
CA ASP B 103 22.99 13.31 9.33
C ASP B 103 22.83 14.45 10.32
N ALA B 104 22.24 15.57 9.90
CA ALA B 104 22.09 16.72 10.77
C ALA B 104 21.05 16.47 11.85
N LEU B 105 19.99 15.71 11.55
CA LEU B 105 18.89 15.57 12.52
C LEU B 105 18.99 14.28 13.32
N GLY B 106 19.93 13.43 12.94
CA GLY B 106 20.10 12.12 13.58
C GLY B 106 20.18 12.17 15.09
N PRO B 107 20.97 13.10 15.65
CA PRO B 107 21.06 13.25 17.11
C PRO B 107 19.70 13.55 17.76
N SER B 108 18.78 14.10 16.99
CA SER B 108 17.51 14.58 17.55
C SER B 108 16.37 13.57 17.44
N ILE B 109 16.60 12.47 16.73
CA ILE B 109 15.50 11.55 16.37
C ILE B 109 15.71 10.12 16.89
N CYS B 110 14.61 9.42 17.20
CA CYS B 110 14.71 8.00 17.49
C CYS B 110 14.62 7.11 16.23
N MET B 111 14.10 7.68 15.15
CA MET B 111 13.74 6.88 13.98
C MET B 111 13.69 7.82 12.79
N LEU B 112 14.04 7.28 11.63
CA LEU B 112 13.94 8.02 10.39
C LEU B 112 13.01 7.21 9.52
N LYS B 113 11.92 7.84 9.09
CA LYS B 113 10.93 7.16 8.30
C LYS B 113 11.09 7.55 6.85
N THR B 114 11.11 6.56 5.98
CA THR B 114 11.33 6.75 4.55
C THR B 114 10.11 6.33 3.75
N HIS B 115 9.94 6.94 2.57
CA HIS B 115 9.13 6.42 1.48
C HIS B 115 10.12 6.26 0.33
N VAL B 116 10.73 5.09 0.23
CA VAL B 116 11.76 4.91 -0.82
C VAL B 116 11.19 5.01 -2.24
N ASP B 117 9.91 4.73 -2.39
CA ASP B 117 9.26 4.82 -3.70
C ASP B 117 8.99 6.24 -4.22
N ILE B 118 9.42 7.26 -3.49
N ILE B 118 9.45 7.24 -3.48
CA ILE B 118 9.37 8.62 -4.03
CA ILE B 118 9.35 8.61 -3.94
C ILE B 118 10.76 9.24 -4.17
C ILE B 118 10.74 9.15 -4.32
N LEU B 119 11.80 8.45 -3.93
CA LEU B 119 13.18 8.92 -4.13
C LEU B 119 13.51 8.83 -5.62
N ASN B 120 13.70 9.98 -6.27
CA ASN B 120 13.98 9.96 -7.71
C ASN B 120 15.25 9.21 -8.09
N ASP B 121 16.22 9.18 -7.18
CA ASP B 121 17.54 8.58 -7.43
C ASP B 121 17.93 7.51 -6.41
N PHE B 122 16.94 6.69 -6.04
CA PHE B 122 17.19 5.53 -5.19
C PHE B 122 18.25 4.63 -5.79
N THR B 123 19.18 4.18 -4.95
CA THR B 123 20.01 3.01 -5.20
C THR B 123 20.16 2.34 -3.84
N LEU B 124 20.53 1.06 -3.82
CA LEU B 124 20.87 0.41 -2.56
C LEU B 124 22.03 1.08 -1.81
N ASP B 125 22.95 1.69 -2.54
N ASP B 125 22.97 1.67 -2.55
CA ASP B 125 24.08 2.38 -1.90
CA ASP B 125 24.09 2.39 -1.94
C ASP B 125 23.70 3.65 -1.13
C ASP B 125 23.62 3.56 -1.06
N VAL B 126 22.58 4.27 -1.49
CA VAL B 126 22.06 5.37 -0.64
C VAL B 126 21.53 4.84 0.70
N MET B 127 20.98 3.63 0.67
N MET B 127 20.94 3.65 0.66
CA MET B 127 20.50 2.98 1.89
CA MET B 127 20.51 2.95 1.87
C MET B 127 21.68 2.46 2.74
C MET B 127 21.73 2.61 2.73
N LYS B 128 22.81 2.18 2.09
CA LYS B 128 24.07 1.89 2.80
C LYS B 128 24.56 3.13 3.55
N GLU B 129 24.57 4.27 2.87
N GLU B 129 24.53 4.27 2.85
CA GLU B 129 24.93 5.53 3.53
CA GLU B 129 24.86 5.58 3.40
C GLU B 129 23.94 5.83 4.66
C GLU B 129 23.92 5.97 4.54
N LEU B 130 22.66 5.55 4.43
CA LEU B 130 21.64 5.81 5.46
C LEU B 130 21.88 4.95 6.71
N ILE B 131 22.19 3.66 6.50
CA ILE B 131 22.49 2.74 7.58
C ILE B 131 23.70 3.21 8.39
N THR B 132 24.76 3.64 7.74
CA THR B 132 25.90 4.23 8.45
C THR B 132 25.47 5.37 9.36
N LEU B 133 24.63 6.26 8.84
CA LEU B 133 24.15 7.40 9.61
C LEU B 133 23.29 6.95 10.80
N ALA B 134 22.48 5.91 10.56
CA ALA B 134 21.63 5.30 11.60
C ALA B 134 22.47 4.74 12.74
N LYS B 135 23.56 4.06 12.39
CA LYS B 135 24.49 3.46 13.36
C LYS B 135 25.29 4.53 14.10
N CYS B 136 25.79 5.53 13.39
CA CYS B 136 26.53 6.62 14.01
C CYS B 136 25.66 7.43 14.99
N HIS B 137 24.48 7.85 14.56
CA HIS B 137 23.62 8.71 15.37
C HIS B 137 22.64 7.95 16.27
N GLU B 138 22.50 6.63 16.05
CA GLU B 138 21.62 5.79 16.83
C GLU B 138 20.16 6.11 16.60
N PHE B 139 19.68 5.74 15.42
CA PHE B 139 18.23 5.71 15.17
C PHE B 139 17.86 4.51 14.31
N LEU B 140 16.60 4.08 14.39
CA LEU B 140 16.08 3.01 13.54
C LEU B 140 15.58 3.54 12.20
N ILE B 141 15.57 2.68 11.19
CA ILE B 141 15.05 3.03 9.86
C ILE B 141 13.70 2.35 9.67
N PHE B 142 12.67 3.13 9.32
CA PHE B 142 11.31 2.64 9.18
C PHE B 142 10.88 2.97 7.73
N GLU B 143 10.64 1.94 6.92
CA GLU B 143 10.13 2.17 5.58
C GLU B 143 8.60 2.16 5.71
N ASP B 144 8.01 3.29 5.32
CA ASP B 144 6.58 3.52 5.50
C ASP B 144 5.79 2.98 4.31
N ARG B 145 5.93 1.67 4.06
CA ARG B 145 5.42 1.07 2.83
C ARG B 145 3.92 0.73 2.91
N LYS B 146 3.35 0.76 4.10
CA LYS B 146 1.88 0.64 4.34
C LYS B 146 1.35 -0.49 3.47
N PHE B 147 1.97 -1.84 3.48
CA PHE B 147 1.68 -3.04 2.69
C PHE B 147 0.19 -3.27 2.84
N ALA B 148 -0.46 -3.66 1.75
CA ALA B 148 -1.92 -3.81 1.80
C ALA B 148 -2.33 -4.75 0.68
N ASP B 149 -1.73 -5.92 0.67
CA ASP B 149 -2.00 -6.92 -0.37
C ASP B 149 -2.04 -8.27 0.34
N ILE B 150 -2.32 -9.33 -0.40
CA ILE B 150 -2.35 -10.69 0.14
C ILE B 150 -0.94 -11.12 0.56
N GLY B 151 -0.90 -12.03 1.52
CA GLY B 151 0.35 -12.54 2.10
C GLY B 151 1.35 -12.94 1.06
N ASN B 152 0.92 -13.69 0.04
CA ASN B 152 1.86 -14.15 -0.99
C ASN B 152 2.57 -13.03 -1.74
N THR B 153 1.85 -11.93 -1.98
CA THR B 153 2.39 -10.77 -2.68
C THR B 153 3.28 -9.88 -1.80
N VAL B 154 2.79 -9.56 -0.61
CA VAL B 154 3.54 -8.69 0.33
C VAL B 154 4.93 -9.24 0.66
N LYS B 155 5.02 -10.57 0.78
CA LYS B 155 6.28 -11.27 0.98
C LYS B 155 7.31 -10.87 -0.08
N LYS B 156 6.90 -10.90 -1.34
CA LYS B 156 7.85 -10.52 -2.40
C LYS B 156 8.09 -9.01 -2.43
N GLN B 157 7.05 -8.20 -2.16
CA GLN B 157 7.25 -6.73 -2.12
C GLN B 157 8.23 -6.26 -1.02
N TYR B 158 8.30 -7.06 0.03
CA TYR B 158 9.12 -6.75 1.21
C TYR B 158 10.55 -7.19 0.99
N GLU B 159 10.72 -8.39 0.43
CA GLU B 159 12.05 -8.96 0.24
C GLU B 159 12.74 -8.56 -1.06
N GLY B 160 11.99 -8.43 -2.15
CA GLY B 160 12.65 -8.36 -3.46
C GLY B 160 12.48 -7.07 -4.22
N GLY B 161 12.40 -7.18 -5.53
CA GLY B 161 12.34 -5.99 -6.39
C GLY B 161 13.63 -5.18 -6.32
N ILE B 162 13.55 -3.94 -6.79
N ILE B 162 13.57 -3.94 -6.77
CA ILE B 162 14.69 -3.04 -6.80
CA ILE B 162 14.76 -3.10 -6.77
C ILE B 162 15.02 -2.61 -5.37
C ILE B 162 15.03 -2.51 -5.39
N PHE B 163 14.00 -2.40 -4.55
CA PHE B 163 14.17 -1.78 -3.24
C PHE B 163 14.74 -2.67 -2.14
N LYS B 164 14.49 -3.98 -2.19
CA LYS B 164 14.91 -4.96 -1.16
C LYS B 164 14.72 -4.38 0.25
N ILE B 165 13.49 -3.97 0.55
CA ILE B 165 13.19 -3.21 1.75
C ILE B 165 13.70 -3.92 3.00
N ALA B 166 13.39 -5.22 3.14
CA ALA B 166 13.83 -6.00 4.32
C ALA B 166 15.35 -5.98 4.61
N SER B 167 16.16 -5.68 3.59
N SER B 167 16.16 -5.72 3.58
CA SER B 167 17.62 -5.69 3.76
CA SER B 167 17.62 -5.69 3.75
C SER B 167 18.17 -4.43 4.44
C SER B 167 18.09 -4.52 4.61
N TRP B 168 17.34 -3.41 4.61
CA TRP B 168 17.78 -2.19 5.30
C TRP B 168 16.79 -1.55 6.29
N ALA B 169 15.54 -2.02 6.27
CA ALA B 169 14.49 -1.46 7.13
C ALA B 169 14.29 -2.27 8.42
N ASP B 170 14.58 -1.65 9.55
CA ASP B 170 14.36 -2.23 10.87
C ASP B 170 12.88 -2.47 11.01
N LEU B 171 12.08 -1.52 10.54
CA LEU B 171 10.63 -1.63 10.70
C LEU B 171 9.92 -1.31 9.38
N VAL B 172 8.74 -1.89 9.21
CA VAL B 172 7.85 -1.52 8.12
C VAL B 172 6.47 -1.48 8.76
N ASN B 173 5.47 -1.08 7.99
CA ASN B 173 4.09 -1.13 8.48
C ASN B 173 3.16 -1.76 7.47
N ALA B 174 1.97 -2.17 7.92
CA ALA B 174 1.02 -2.86 7.04
C ALA B 174 -0.39 -2.51 7.46
N HIS B 175 -1.29 -2.45 6.48
CA HIS B 175 -2.72 -2.28 6.75
C HIS B 175 -3.29 -3.62 7.10
N VAL B 176 -4.39 -3.63 7.86
CA VAL B 176 -4.95 -4.90 8.29
C VAL B 176 -6.17 -5.32 7.47
N VAL B 177 -6.66 -4.44 6.60
CA VAL B 177 -7.75 -4.73 5.68
C VAL B 177 -7.68 -6.12 4.98
N PRO B 178 -6.48 -6.60 4.55
CA PRO B 178 -6.51 -7.91 3.88
C PRO B 178 -6.72 -9.10 4.81
N GLY B 179 -6.74 -8.86 6.13
CA GLY B 179 -6.82 -9.95 7.11
C GLY B 179 -5.42 -10.43 7.43
N SER B 180 -5.30 -11.41 8.34
CA SER B 180 -4.01 -11.72 8.93
C SER B 180 -2.94 -12.29 8.00
N GLY B 181 -3.35 -12.77 6.82
CA GLY B 181 -2.39 -13.25 5.82
C GLY B 181 -1.36 -12.20 5.48
N VAL B 182 -1.72 -10.92 5.60
CA VAL B 182 -0.74 -9.86 5.31
C VAL B 182 0.46 -9.91 6.28
N VAL B 183 0.19 -10.14 7.56
CA VAL B 183 1.25 -10.28 8.56
C VAL B 183 2.00 -11.60 8.42
N LYS B 184 1.28 -12.67 8.17
CA LYS B 184 1.91 -13.98 7.95
C LYS B 184 2.92 -13.94 6.79
N GLY B 185 2.52 -13.28 5.70
CA GLY B 185 3.41 -13.19 4.56
C GLY B 185 4.63 -12.37 4.90
N LEU B 186 4.42 -11.19 5.52
CA LEU B 186 5.55 -10.34 5.87
C LEU B 186 6.51 -11.05 6.84
N GLN B 187 5.92 -11.75 7.81
CA GLN B 187 6.69 -12.53 8.81
C GLN B 187 7.72 -13.48 8.22
N GLU B 188 7.33 -14.13 7.14
CA GLU B 188 8.17 -15.16 6.53
C GLU B 188 9.51 -14.59 6.09
N VAL B 189 9.53 -13.31 5.74
CA VAL B 189 10.80 -12.66 5.44
C VAL B 189 11.37 -11.88 6.63
N GLY B 190 10.47 -11.30 7.41
CA GLY B 190 10.87 -10.40 8.49
C GLY B 190 11.49 -11.12 9.68
N LEU B 191 10.91 -12.24 10.08
CA LEU B 191 11.44 -12.98 11.23
C LEU B 191 12.90 -13.47 11.02
N PRO B 192 13.20 -14.18 9.90
CA PRO B 192 14.61 -14.54 9.69
C PRO B 192 15.55 -13.35 9.65
N LEU B 193 15.05 -12.18 9.22
CA LEU B 193 15.86 -10.98 9.12
C LEU B 193 15.84 -10.11 10.40
N HIS B 194 15.20 -10.62 11.45
N HIS B 194 15.14 -10.59 11.42
CA HIS B 194 15.18 -9.97 12.77
CA HIS B 194 15.17 -10.00 12.73
C HIS B 194 14.53 -8.59 12.75
C HIS B 194 14.55 -8.59 12.72
N ARG B 195 13.51 -8.44 11.92
CA ARG B 195 12.85 -7.16 11.70
C ARG B 195 11.54 -7.11 12.46
N GLY B 196 10.92 -5.93 12.49
CA GLY B 196 9.62 -5.80 13.15
C GLY B 196 8.64 -5.06 12.26
N CYS B 197 7.37 -5.09 12.65
CA CYS B 197 6.33 -4.51 11.85
C CYS B 197 5.33 -3.77 12.73
N LEU B 198 4.76 -2.69 12.20
CA LEU B 198 3.70 -1.92 12.86
C LEU B 198 2.40 -2.10 12.07
N LEU B 199 1.28 -2.30 12.75
CA LEU B 199 -0.01 -2.41 12.07
C LEU B 199 -0.77 -1.08 12.15
N ILE B 200 -1.47 -0.74 11.06
CA ILE B 200 -2.09 0.57 10.93
C ILE B 200 -3.51 0.43 11.54
N ALA B 201 -3.63 0.81 12.80
CA ALA B 201 -4.92 0.68 13.53
C ALA B 201 -5.86 1.85 13.30
N GLU B 202 -5.29 3.02 13.00
CA GLU B 202 -6.05 4.26 12.76
C GLU B 202 -5.23 5.09 11.79
N MET B 203 -5.90 5.94 11.01
CA MET B 203 -5.17 6.86 10.12
C MET B 203 -5.49 8.32 10.47
N SER B 204 -4.57 9.20 10.08
CA SER B 204 -4.68 10.63 10.40
C SER B 204 -5.61 11.41 9.46
N SER B 205 -6.02 10.77 8.37
CA SER B 205 -6.65 11.51 7.26
C SER B 205 -8.18 11.59 7.39
N THR B 206 -8.75 12.64 6.79
CA THR B 206 -10.21 12.87 6.84
C THR B 206 -10.95 11.75 6.14
N GLY B 207 -11.97 11.22 6.80
CA GLY B 207 -12.76 10.15 6.18
C GLY B 207 -12.16 8.76 6.32
N SER B 208 -11.05 8.64 7.07
CA SER B 208 -10.46 7.36 7.42
C SER B 208 -11.50 6.33 7.87
N LEU B 209 -11.40 5.11 7.32
CA LEU B 209 -12.30 4.01 7.68
C LEU B 209 -11.71 3.11 8.77
N ALA B 210 -10.53 3.48 9.27
CA ALA B 210 -9.80 2.69 10.28
C ALA B 210 -10.27 3.10 11.68
N THR B 211 -11.51 2.74 11.99
CA THR B 211 -12.18 3.19 13.20
C THR B 211 -12.97 2.00 13.76
N GLY B 212 -13.47 2.11 14.99
CA GLY B 212 -14.36 1.10 15.57
C GLY B 212 -13.86 -0.33 15.52
N ASP B 213 -14.65 -1.23 14.92
CA ASP B 213 -14.29 -2.64 14.81
C ASP B 213 -13.00 -2.87 14.00
N TYR B 214 -12.75 -2.01 13.03
CA TYR B 214 -11.51 -2.12 12.22
C TYR B 214 -10.29 -1.98 13.13
N THR B 215 -10.28 -0.91 13.93
CA THR B 215 -9.19 -0.68 14.88
C THR B 215 -9.06 -1.85 15.87
N ARG B 216 -10.18 -2.32 16.43
CA ARG B 216 -10.15 -3.50 17.30
C ARG B 216 -9.54 -4.73 16.60
N ALA B 217 -9.84 -4.88 15.32
CA ALA B 217 -9.29 -5.98 14.51
C ALA B 217 -7.78 -5.86 14.40
N ALA B 218 -7.29 -4.64 14.23
CA ALA B 218 -5.83 -4.41 14.18
C ALA B 218 -5.13 -4.80 15.49
N VAL B 219 -5.72 -4.41 16.60
CA VAL B 219 -5.18 -4.77 17.91
C VAL B 219 -5.10 -6.30 18.12
N ARG B 220 -6.19 -6.99 17.82
N ARG B 220 -6.17 -7.02 17.80
CA ARG B 220 -6.27 -8.45 17.92
CA ARG B 220 -6.15 -8.48 17.87
C ARG B 220 -5.21 -9.13 17.07
C ARG B 220 -5.03 -9.07 17.01
N MET B 221 -5.01 -8.62 15.87
N MET B 221 -5.00 -8.69 15.74
CA MET B 221 -4.03 -9.18 14.96
CA MET B 221 -3.97 -9.16 14.85
C MET B 221 -2.61 -8.97 15.48
C MET B 221 -2.57 -8.95 15.42
N ALA B 222 -2.33 -7.77 15.98
CA ALA B 222 -1.04 -7.46 16.61
C ALA B 222 -0.67 -8.41 17.75
N GLU B 223 -1.64 -8.67 18.63
CA GLU B 223 -1.48 -9.56 19.77
C GLU B 223 -1.15 -10.98 19.35
N GLU B 224 -1.78 -11.42 18.27
CA GLU B 224 -1.64 -12.77 17.74
C GLU B 224 -0.35 -12.96 16.95
N HIS B 225 0.31 -11.88 16.59
CA HIS B 225 1.58 -11.98 15.88
C HIS B 225 2.68 -11.20 16.59
N SER B 226 2.74 -11.35 17.91
CA SER B 226 3.66 -10.58 18.74
C SER B 226 5.15 -10.87 18.48
N GLU B 227 5.48 -11.98 17.84
N GLU B 227 5.44 -11.99 17.83
CA GLU B 227 6.88 -12.26 17.52
CA GLU B 227 6.79 -12.36 17.44
C GLU B 227 7.36 -11.39 16.37
C GLU B 227 7.33 -11.36 16.41
N PHE B 228 6.42 -10.76 15.65
CA PHE B 228 6.80 -9.87 14.54
C PHE B 228 6.23 -8.45 14.67
N VAL B 229 4.99 -8.34 15.12
CA VAL B 229 4.34 -7.04 15.26
C VAL B 229 4.78 -6.36 16.58
N VAL B 230 5.32 -5.15 16.51
CA VAL B 230 5.89 -4.49 17.69
C VAL B 230 5.03 -3.28 18.10
N GLY B 231 3.99 -2.98 17.33
CA GLY B 231 3.10 -1.88 17.69
C GLY B 231 2.20 -1.43 16.56
N PHE B 232 1.81 -0.15 16.66
CA PHE B 232 0.79 0.45 15.80
C PHE B 232 1.19 1.79 15.23
N ILE B 233 0.68 2.02 14.02
CA ILE B 233 0.42 3.38 13.59
C ILE B 233 -1.00 3.69 14.07
N SER B 234 -1.15 4.75 14.86
CA SER B 234 -2.47 5.12 15.36
C SER B 234 -2.50 6.58 15.77
N GLY B 235 -3.68 7.11 16.08
CA GLY B 235 -3.76 8.49 16.55
C GLY B 235 -3.83 8.61 18.07
N SER B 236 -3.90 7.47 18.74
CA SER B 236 -4.17 7.39 20.16
C SER B 236 -3.55 6.07 20.65
N ARG B 237 -3.45 5.88 21.97
CA ARG B 237 -3.16 4.58 22.53
C ARG B 237 -4.35 3.68 22.20
N VAL B 238 -4.04 2.49 21.70
CA VAL B 238 -5.06 1.63 21.17
C VAL B 238 -4.93 0.24 21.83
N SER B 239 -3.77 -0.02 22.43
CA SER B 239 -3.54 -1.25 23.21
C SER B 239 -3.07 -0.89 24.60
N MET B 240 -3.54 -1.65 25.58
CA MET B 240 -3.13 -1.44 26.98
C MET B 240 -1.85 -2.17 27.35
N LYS B 241 -1.40 -3.09 26.49
CA LYS B 241 -0.19 -3.88 26.73
C LYS B 241 1.04 -3.02 26.45
N PRO B 242 1.90 -2.83 27.47
CA PRO B 242 3.03 -1.89 27.34
C PRO B 242 4.13 -2.37 26.41
N GLU B 243 4.08 -3.64 25.99
CA GLU B 243 5.07 -4.17 25.05
C GLU B 243 4.91 -3.55 23.66
N PHE B 244 3.72 -3.01 23.37
CA PHE B 244 3.43 -2.41 22.07
C PHE B 244 3.75 -0.92 21.97
N LEU B 245 4.40 -0.51 20.88
CA LEU B 245 4.67 0.89 20.67
C LEU B 245 3.52 1.55 19.93
N HIS B 246 3.28 2.83 20.20
CA HIS B 246 2.31 3.61 19.43
C HIS B 246 3.03 4.78 18.77
N LEU B 247 2.93 4.83 17.45
CA LEU B 247 3.57 5.89 16.65
C LEU B 247 2.46 6.66 15.95
N THR B 248 2.50 7.98 16.07
CA THR B 248 1.45 8.80 15.54
C THR B 248 1.88 9.83 14.51
N PRO B 249 1.45 9.65 13.25
CA PRO B 249 1.59 10.68 12.23
C PRO B 249 0.41 11.66 12.28
N GLY B 250 0.48 12.73 11.48
CA GLY B 250 -0.51 13.79 11.49
C GLY B 250 -0.26 14.69 12.70
N VAL B 251 0.98 15.14 12.82
CA VAL B 251 1.47 15.95 13.94
C VAL B 251 2.13 17.24 13.46
N GLN B 252 1.66 18.38 14.00
N GLN B 252 1.66 18.38 13.98
CA GLN B 252 2.29 19.70 13.85
CA GLN B 252 2.33 19.68 13.85
C GLN B 252 2.01 20.51 15.11
C GLN B 252 1.98 20.56 15.05
N LEU B 253 2.84 21.51 15.36
CA LEU B 253 2.67 22.39 16.53
C LEU B 253 1.40 23.23 16.44
N GLU B 254 1.12 23.72 15.23
CA GLU B 254 -0.04 24.57 14.95
C GLU B 254 -1.21 23.74 14.40
N ALA B 255 -2.43 24.16 14.72
CA ALA B 255 -3.65 23.53 14.18
C ALA B 255 -3.67 23.62 12.65
N GLY B 256 -4.26 22.62 12.01
CA GLY B 256 -4.45 22.72 10.57
C GLY B 256 -4.50 21.38 9.86
N GLY B 257 -4.27 21.44 8.55
CA GLY B 257 -4.27 20.25 7.69
C GLY B 257 -3.54 20.53 6.39
N ASP B 258 -3.74 19.67 5.39
CA ASP B 258 -3.30 20.03 4.04
C ASP B 258 -4.53 20.05 3.13
N ASN B 259 -4.33 20.23 1.84
N ASN B 259 -4.36 20.23 1.83
CA ASN B 259 -5.47 20.29 0.93
CA ASN B 259 -5.55 20.28 0.97
C ASN B 259 -5.85 18.93 0.32
C ASN B 259 -6.00 18.91 0.45
N LEU B 260 -5.37 17.86 0.95
CA LEU B 260 -5.60 16.48 0.50
C LEU B 260 -5.91 15.56 1.67
N GLY B 261 -6.61 16.09 2.65
CA GLY B 261 -7.21 15.30 3.71
C GLY B 261 -6.37 15.06 4.95
N GLN B 262 -5.11 15.51 4.96
CA GLN B 262 -4.29 15.36 6.16
C GLN B 262 -4.86 16.23 7.30
N GLN B 263 -4.86 15.70 8.52
CA GLN B 263 -5.25 16.46 9.68
C GLN B 263 -4.13 16.43 10.70
N TYR B 264 -3.87 17.58 11.32
CA TYR B 264 -2.81 17.71 12.32
C TYR B 264 -3.32 17.87 13.74
N ASN B 265 -2.61 17.24 14.68
CA ASN B 265 -2.76 17.49 16.12
C ASN B 265 -1.39 17.75 16.72
N SER B 266 -1.36 18.39 17.89
CA SER B 266 -0.09 18.78 18.49
C SER B 266 0.57 17.60 19.20
N PRO B 267 1.90 17.66 19.40
CA PRO B 267 2.61 16.67 20.23
C PRO B 267 2.03 16.50 21.64
N GLN B 268 1.60 17.59 22.27
CA GLN B 268 1.06 17.51 23.61
C GLN B 268 -0.27 16.77 23.57
N GLU B 269 -1.07 17.03 22.55
CA GLU B 269 -2.37 16.32 22.42
C GLU B 269 -2.11 14.83 22.19
N VAL B 270 -1.20 14.53 21.27
CA VAL B 270 -1.01 13.15 20.81
C VAL B 270 -0.32 12.27 21.85
N ILE B 271 0.74 12.80 22.45
CA ILE B 271 1.52 12.05 23.45
C ILE B 271 0.87 12.19 24.83
N GLY B 272 0.55 13.43 25.18
CA GLY B 272 0.03 13.79 26.49
C GLY B 272 -1.37 13.30 26.72
N LYS B 273 -2.32 13.73 25.89
CA LYS B 273 -3.72 13.45 26.13
C LYS B 273 -4.16 12.10 25.56
N ARG B 274 -3.58 11.72 24.43
CA ARG B 274 -4.03 10.52 23.69
C ARG B 274 -3.20 9.27 23.94
N GLY B 275 -2.06 9.44 24.61
CA GLY B 275 -1.30 8.31 25.12
C GLY B 275 -0.36 7.59 24.17
N SER B 276 -0.06 8.23 23.04
N SER B 276 -0.07 8.22 23.03
CA SER B 276 0.90 7.65 22.09
CA SER B 276 0.90 7.69 22.07
C SER B 276 2.33 7.80 22.57
C SER B 276 2.33 7.80 22.59
N ASP B 277 3.25 7.07 21.96
CA ASP B 277 4.66 7.05 22.37
C ASP B 277 5.57 7.95 21.56
N ILE B 278 5.34 7.99 20.25
CA ILE B 278 6.29 8.61 19.30
C ILE B 278 5.46 9.45 18.32
N ILE B 279 5.92 10.66 18.03
CA ILE B 279 5.27 11.43 16.97
C ILE B 279 6.10 11.28 15.70
N ILE B 280 5.42 11.20 14.55
CA ILE B 280 6.00 11.11 13.23
C ILE B 280 5.71 12.48 12.58
N VAL B 281 6.76 13.20 12.19
CA VAL B 281 6.56 14.57 11.68
C VAL B 281 7.30 14.72 10.37
N GLY B 282 6.61 15.16 9.31
CA GLY B 282 7.23 15.34 7.99
C GLY B 282 7.39 16.82 7.72
N ARG B 283 6.41 17.35 6.98
CA ARG B 283 6.35 18.77 6.63
C ARG B 283 6.51 19.78 7.78
N GLY B 284 5.99 19.48 8.97
CA GLY B 284 6.26 20.33 10.14
C GLY B 284 7.72 20.68 10.34
N ILE B 285 8.60 19.75 9.97
CA ILE B 285 10.03 19.92 10.06
C ILE B 285 10.63 20.23 8.69
N ILE B 286 10.30 19.43 7.68
CA ILE B 286 10.97 19.51 6.38
C ILE B 286 10.77 20.86 5.66
N SER B 287 9.59 21.42 5.81
CA SER B 287 9.24 22.72 5.21
C SER B 287 9.79 23.93 5.98
N ALA B 288 10.25 23.72 7.22
CA ALA B 288 10.77 24.79 8.07
C ALA B 288 12.07 25.29 7.47
N ALA B 289 12.43 26.57 7.66
CA ALA B 289 13.74 27.04 7.19
C ALA B 289 14.92 26.35 7.87
N ASP B 290 14.86 26.26 9.20
CA ASP B 290 15.92 25.61 9.97
C ASP B 290 15.37 24.28 10.45
N ARG B 291 15.71 23.22 9.72
CA ARG B 291 15.15 21.90 9.98
C ARG B 291 15.68 21.34 11.29
N LEU B 292 16.89 21.74 11.67
CA LEU B 292 17.47 21.29 12.94
C LEU B 292 16.72 21.86 14.15
N GLU B 293 16.49 23.17 14.15
N GLU B 293 16.52 23.17 14.14
CA GLU B 293 15.74 23.81 15.22
CA GLU B 293 15.72 23.89 15.12
C GLU B 293 14.27 23.36 15.26
C GLU B 293 14.32 23.29 15.24
N ALA B 294 13.68 23.07 14.09
CA ALA B 294 12.32 22.53 14.04
C ALA B 294 12.32 21.13 14.70
N ALA B 295 13.31 20.33 14.36
CA ALA B 295 13.42 18.98 14.92
C ALA B 295 13.55 19.04 16.44
N GLU B 296 14.36 20.00 16.91
CA GLU B 296 14.54 20.17 18.35
C GLU B 296 13.23 20.60 19.04
N MET B 297 12.48 21.48 18.40
N MET B 297 12.45 21.45 18.40
CA MET B 297 11.17 21.92 18.91
CA MET B 297 11.17 21.89 18.98
C MET B 297 10.24 20.73 19.11
C MET B 297 10.15 20.77 19.08
N TYR B 298 10.15 19.89 18.08
CA TYR B 298 9.27 18.72 18.13
C TYR B 298 9.76 17.69 19.14
N ARG B 299 11.08 17.52 19.19
CA ARG B 299 11.66 16.59 20.16
C ARG B 299 11.34 17.03 21.58
N LYS B 300 11.54 18.31 21.88
CA LYS B 300 11.35 18.80 23.24
C LYS B 300 9.87 18.76 23.59
N ALA B 301 8.99 19.05 22.62
CA ALA B 301 7.54 18.92 22.86
C ALA B 301 7.12 17.49 23.19
N ALA B 302 7.53 16.53 22.36
CA ALA B 302 7.11 15.15 22.54
C ALA B 302 7.71 14.54 23.83
N TRP B 303 8.97 14.88 24.09
CA TRP B 303 9.66 14.37 25.28
C TRP B 303 9.01 14.89 26.55
N GLU B 304 8.76 16.19 26.63
N GLU B 304 8.74 16.19 26.62
CA GLU B 304 8.14 16.76 27.82
CA GLU B 304 8.17 16.76 27.83
C GLU B 304 6.74 16.21 28.05
C GLU B 304 6.72 16.29 28.06
N ALA B 305 5.96 16.06 26.98
CA ALA B 305 4.61 15.49 27.06
C ALA B 305 4.67 14.05 27.60
N TYR B 306 5.68 13.30 27.19
CA TYR B 306 5.91 11.95 27.70
C TYR B 306 6.25 11.99 29.19
N LEU B 307 7.18 12.87 29.57
CA LEU B 307 7.59 13.01 30.98
C LEU B 307 6.42 13.36 31.89
N SER B 308 5.54 14.24 31.43
CA SER B 308 4.40 14.67 32.23
C SER B 308 3.34 13.59 32.37
N ARG B 309 3.23 12.74 31.37
CA ARG B 309 2.33 11.60 31.44
C ARG B 309 2.90 10.58 32.42
N LEU B 310 4.21 10.57 32.59
CA LEU B 310 4.91 9.53 33.35
C LEU B 310 4.74 9.44 34.89
N GLY B 311 4.81 10.52 35.66
CA GLY B 311 5.11 11.89 35.27
C GLY B 311 5.01 12.80 36.48
F5 5FU C . -6.69 -6.52 -3.68
C5 5FU C . -6.34 -7.76 -4.02
C4 5FU C . -7.21 -8.90 -3.67
O4 5FU C . -8.29 -8.69 -3.03
N3 5FU C . -6.79 -10.14 -4.01
C2 5FU C . -5.63 -10.28 -4.70
O2 5FU C . -5.26 -11.44 -4.96
C6 5FU C . -5.13 -7.97 -4.70
N1 5FU C . -4.83 -9.25 -5.02
C1' 5FU C . -3.65 -9.53 -5.87
O4' 5FU C . -4.24 -10.19 -7.03
C2' 5FU C . -2.44 -10.37 -5.50
O2' 5FU C . -1.46 -9.39 -5.17
C3' 5FU C . -2.12 -11.08 -6.82
O3' 5FU C . -1.30 -10.27 -7.67
C4' 5FU C . -3.43 -11.23 -7.57
C5' 5FU C . -4.07 -12.62 -7.38
O5' 5FU C . -3.13 -13.60 -7.82
P 5FU C . -3.29 -15.21 -7.75
O1P 5FU C . -1.86 -15.58 -8.11
O2P 5FU C . -3.66 -15.54 -6.35
O3P 5FU C . -4.18 -15.56 -8.90
C1 GOL D . -1.01 1.10 -23.92
O1 GOL D . -1.11 2.23 -24.76
C2 GOL D . -2.40 0.48 -23.86
O2 GOL D . -3.29 1.50 -23.52
C3 GOL D . -2.75 0.02 -25.27
O3 GOL D . -4.00 -0.63 -25.24
F5 5FU E . -0.75 5.74 7.77
C5 5FU E . -0.43 7.03 7.68
C4 5FU E . -1.28 8.02 8.32
O4 5FU E . -2.29 7.64 8.97
N3 5FU E . -0.93 9.32 8.21
C2 5FU E . 0.18 9.67 7.53
O2 5FU E . 0.41 10.88 7.44
C6 5FU E . 0.70 7.45 6.97
N1 5FU E . 0.97 8.77 6.92
C1' 5FU E . 2.24 9.21 6.32
O4' 5FU E . 2.90 9.86 7.45
C2' 5FU E . 2.35 10.16 5.15
O2' 5FU E . 2.61 9.31 4.03
C3' 5FU E . 3.56 11.01 5.53
O3' 5FU E . 4.72 10.28 5.13
C4' 5FU E . 3.55 11.08 7.07
C5' 5FU E . 2.87 12.37 7.57
O5' 5FU E . 3.66 13.47 7.10
P 5FU E . 3.33 15.05 7.27
O1P 5FU E . 4.24 15.71 6.25
O2P 5FU E . 1.85 15.26 7.08
O3P 5FU E . 3.87 15.33 8.66
C1 GOL F . 20.05 17.41 -8.23
O1 GOL F . 19.51 18.44 -7.43
C2 GOL F . 21.54 17.29 -7.93
O2 GOL F . 21.77 17.33 -6.54
C3 GOL F . 22.02 15.95 -8.48
O3 GOL F . 23.00 16.19 -9.45
C1 GOL G . 11.12 26.28 12.65
O1 GOL G . 12.52 26.35 12.81
C2 GOL G . 10.44 25.95 13.97
O2 GOL G . 10.90 26.84 14.97
C3 GOL G . 8.93 26.09 13.83
O3 GOL G . 8.38 24.81 13.65
S SO4 H . 16.05 1.05 33.53
O1 SO4 H . 15.14 1.75 32.64
O2 SO4 H . 15.43 -0.18 34.03
O3 SO4 H . 17.29 0.74 32.81
O4 SO4 H . 16.36 1.90 34.66
#